data_6V67
#
_entry.id   6V67
#
_cell.length_a   50.849
_cell.length_b   26.744
_cell.length_c   51.537
_cell.angle_alpha   90.000
_cell.angle_beta   99.670
_cell.angle_gamma   90.000
#
_symmetry.space_group_name_H-M   'C 1 2 1'
#
loop_
_entity.id
_entity.type
_entity.pdbx_description
1 polymer 'PD-1 Binding Miniprotein GR918.2'
2 water water
#
_entity_poly.entity_id   1
_entity_poly.type   'polypeptide(L)'
_entity_poly.pdbx_seq_one_letter_code
;GSCFCVCITGPQWDYRYGNKEQCKKFLTECEQKNPGAEVEIQC
;
_entity_poly.pdbx_strand_id   A,B
#
# COMPACT_ATOMS: atom_id res chain seq x y z
N SER A 2 17.09 1.87 -0.97
CA SER A 2 15.66 1.62 -1.13
C SER A 2 15.06 1.17 0.19
N CYS A 3 13.89 1.67 0.51
CA CYS A 3 13.28 1.43 1.80
C CYS A 3 12.09 0.50 1.68
N PHE A 4 11.76 -0.12 2.81
CA PHE A 4 10.59 -0.98 2.98
C PHE A 4 9.81 -0.46 4.16
N CYS A 5 8.50 -0.28 4.00
CA CYS A 5 7.69 0.22 5.09
C CYS A 5 6.35 -0.50 5.11
N VAL A 6 5.75 -0.51 6.29
CA VAL A 6 4.63 -1.39 6.62
C VAL A 6 3.61 -0.63 7.44
N CYS A 7 2.33 -0.91 7.17
CA CYS A 7 1.20 -0.37 7.92
C CYS A 7 0.18 -1.50 8.07
N ILE A 8 0.12 -2.10 9.25
CA ILE A 8 -0.76 -3.25 9.52
C ILE A 8 -1.94 -2.77 10.33
N THR A 9 -3.15 -3.03 9.84
CA THR A 9 -4.38 -2.74 10.58
C THR A 9 -5.21 -4.02 10.59
N GLY A 10 -5.04 -4.80 11.65
CA GLY A 10 -5.76 -6.04 11.75
C GLY A 10 -5.48 -6.94 10.54
N PRO A 11 -6.53 -7.38 9.84
CA PRO A 11 -6.33 -8.28 8.70
C PRO A 11 -6.00 -7.59 7.41
N GLN A 12 -5.90 -6.26 7.38
CA GLN A 12 -5.45 -5.53 6.20
C GLN A 12 -4.00 -5.15 6.42
N TRP A 13 -3.14 -5.59 5.51
CA TRP A 13 -1.69 -5.43 5.63
C TRP A 13 -1.20 -4.65 4.42
N ASP A 14 -0.64 -3.47 4.64
N ASP A 14 -0.61 -3.48 4.66
CA ASP A 14 -0.14 -2.63 3.57
CA ASP A 14 -0.13 -2.63 3.59
C ASP A 14 1.37 -2.51 3.63
C ASP A 14 1.38 -2.50 3.64
N TYR A 15 2.00 -2.51 2.46
CA TYR A 15 3.45 -2.44 2.32
C TYR A 15 3.81 -1.49 1.21
N ARG A 16 4.99 -0.89 1.33
CA ARG A 16 5.54 -0.06 0.27
C ARG A 16 7.05 -0.29 0.19
N TYR A 17 7.52 -0.38 -1.05
CA TYR A 17 8.94 -0.31 -1.39
C TYR A 17 9.11 0.99 -2.17
N GLY A 18 9.97 1.87 -1.67
CA GLY A 18 10.21 3.13 -2.33
C GLY A 18 11.40 3.83 -1.69
N ASN A 19 11.58 5.11 -2.01
CA ASN A 19 12.67 5.85 -1.39
C ASN A 19 12.25 6.32 0.00
N LYS A 20 13.16 6.95 0.74
N LYS A 20 13.18 6.93 0.73
CA LYS A 20 12.84 7.31 2.11
CA LYS A 20 12.85 7.30 2.10
C LYS A 20 11.79 8.39 2.19
C LYS A 20 11.71 8.32 2.14
N GLU A 21 11.68 9.25 1.17
CA GLU A 21 10.59 10.22 1.17
C GLU A 21 9.25 9.53 1.02
N GLN A 22 9.17 8.54 0.14
CA GLN A 22 7.92 7.84 -0.08
C GLN A 22 7.53 6.99 1.10
N CYS A 23 8.51 6.39 1.80
CA CYS A 23 8.19 5.63 3.00
C CYS A 23 7.84 6.52 4.17
N LYS A 24 8.48 7.70 4.29
CA LYS A 24 8.02 8.64 5.31
C LYS A 24 6.58 9.06 5.05
N LYS A 25 6.25 9.34 3.78
CA LYS A 25 4.87 9.72 3.46
C LYS A 25 3.91 8.58 3.79
N PHE A 26 4.31 7.35 3.49
CA PHE A 26 3.49 6.18 3.77
C PHE A 26 3.16 6.09 5.25
N LEU A 27 4.16 6.29 6.11
CA LEU A 27 3.90 6.21 7.53
C LEU A 27 3.07 7.38 8.04
N THR A 28 3.27 8.58 7.47
CA THR A 28 2.42 9.71 7.87
C THR A 28 0.97 9.42 7.52
N GLU A 29 0.72 8.91 6.31
CA GLU A 29 -0.64 8.56 5.92
C GLU A 29 -1.18 7.44 6.79
N CYS A 30 -0.34 6.45 7.10
CA CYS A 30 -0.75 5.36 7.97
C CYS A 30 -1.24 5.91 9.30
N GLU A 31 -0.48 6.85 9.87
CA GLU A 31 -0.81 7.39 11.19
C GLU A 31 -2.08 8.23 11.14
N GLN A 32 -2.28 9.00 10.08
CA GLN A 32 -3.48 9.82 9.98
C GLN A 32 -4.72 8.96 9.85
N LYS A 33 -4.64 7.89 9.05
CA LYS A 33 -5.79 7.02 8.82
C LYS A 33 -5.97 5.98 9.90
N ASN A 34 -4.87 5.53 10.50
CA ASN A 34 -4.85 4.32 11.32
C ASN A 34 -4.02 4.56 12.57
N PRO A 35 -4.57 5.26 13.57
CA PRO A 35 -3.81 5.58 14.79
C PRO A 35 -3.26 4.38 15.52
N GLY A 36 -3.87 3.22 15.36
CA GLY A 36 -3.44 2.02 16.05
C GLY A 36 -2.58 1.07 15.25
N ALA A 37 -2.13 1.47 14.06
CA ALA A 37 -1.45 0.53 13.18
C ALA A 37 -0.14 0.04 13.77
N GLU A 38 0.26 -1.16 13.38
CA GLU A 38 1.63 -1.61 13.57
C GLU A 38 2.42 -1.16 12.34
N VAL A 39 3.63 -0.66 12.58
CA VAL A 39 4.37 0.01 11.52
C VAL A 39 5.82 -0.46 11.51
N GLU A 40 6.48 -0.22 10.37
CA GLU A 40 7.90 -0.47 10.21
C GLU A 40 8.42 0.43 9.11
N ILE A 41 9.69 0.83 9.21
N ILE A 41 9.66 0.92 9.26
CA ILE A 41 10.39 1.44 8.09
CA ILE A 41 10.48 1.46 8.18
C ILE A 41 11.87 1.08 8.23
C ILE A 41 11.86 0.88 8.33
N GLN A 42 12.41 0.41 7.22
CA GLN A 42 13.81 0.02 7.17
C GLN A 42 14.37 0.41 5.82
N CYS A 43 15.53 1.05 5.82
CA CYS A 43 16.18 1.49 4.58
C CYS A 43 17.59 0.94 4.48
N GLY B 1 -12.28 -13.50 1.84
CA GLY B 1 -11.02 -12.70 1.85
C GLY B 1 -9.86 -13.38 1.14
N SER B 2 -8.64 -13.09 1.60
CA SER B 2 -7.44 -13.67 1.00
C SER B 2 -7.19 -13.10 -0.39
N CYS B 3 -7.25 -11.76 -0.49
CA CYS B 3 -6.85 -11.05 -1.69
C CYS B 3 -5.50 -10.41 -1.48
N PHE B 4 -4.80 -10.26 -2.60
CA PHE B 4 -3.50 -9.61 -2.70
C PHE B 4 -3.61 -8.65 -3.85
N CYS B 5 -3.18 -7.40 -3.65
CA CYS B 5 -3.28 -6.42 -4.71
C CYS B 5 -2.03 -5.54 -4.72
N VAL B 6 -1.73 -5.01 -5.90
CA VAL B 6 -0.46 -4.35 -6.17
C VAL B 6 -0.73 -3.06 -6.94
N CYS B 7 0.02 -2.02 -6.60
CA CYS B 7 0.00 -0.74 -7.29
C CYS B 7 1.44 -0.31 -7.48
N ILE B 8 1.93 -0.34 -8.72
CA ILE B 8 3.28 0.11 -9.04
C ILE B 8 3.18 1.42 -9.80
N THR B 9 3.75 2.48 -9.23
CA THR B 9 3.72 3.83 -9.80
C THR B 9 5.14 4.37 -9.77
N GLY B 10 5.75 4.55 -10.92
CA GLY B 10 7.13 4.97 -10.94
C GLY B 10 7.98 4.04 -10.09
N PRO B 11 8.82 4.61 -9.21
CA PRO B 11 9.73 3.78 -8.41
C PRO B 11 9.14 3.32 -7.07
N GLN B 12 7.82 3.37 -6.95
CA GLN B 12 7.12 3.02 -5.72
C GLN B 12 6.26 1.79 -5.98
N TRP B 13 6.46 0.77 -5.19
N TRP B 13 6.47 0.74 -5.20
CA TRP B 13 5.74 -0.48 -5.36
CA TRP B 13 5.79 -0.56 -5.35
C TRP B 13 4.97 -0.75 -4.08
C TRP B 13 4.98 -0.80 -4.08
N ASP B 14 3.66 -0.63 -4.17
CA ASP B 14 2.76 -0.79 -3.04
C ASP B 14 1.99 -2.08 -3.16
N TYR B 15 1.69 -2.66 -2.00
N TYR B 15 1.77 -2.76 -2.04
CA TYR B 15 1.01 -3.94 -1.88
CA TYR B 15 0.88 -3.90 -2.09
C TYR B 15 0.01 -3.87 -0.76
C TYR B 15 0.12 -4.05 -0.78
N ARG B 16 -1.06 -4.66 -0.91
CA ARG B 16 -2.02 -4.84 0.16
C ARG B 16 -2.47 -6.29 0.17
N TYR B 17 -2.62 -6.83 1.38
CA TYR B 17 -3.36 -8.06 1.63
C TYR B 17 -4.61 -7.69 2.39
N GLY B 18 -5.75 -8.22 1.96
CA GLY B 18 -7.00 -7.94 2.62
C GLY B 18 -8.11 -8.71 1.96
N ASN B 19 -9.35 -8.25 2.18
CA ASN B 19 -10.49 -8.83 1.51
C ASN B 19 -10.72 -8.10 0.18
N LYS B 20 -11.71 -8.59 -0.59
CA LYS B 20 -11.88 -8.02 -1.92
C LYS B 20 -12.33 -6.57 -1.83
N GLU B 21 -13.12 -6.21 -0.82
CA GLU B 21 -13.52 -4.81 -0.70
C GLU B 21 -12.30 -3.92 -0.46
N GLN B 22 -11.39 -4.37 0.39
CA GLN B 22 -10.20 -3.59 0.69
C GLN B 22 -9.27 -3.52 -0.52
N CYS B 23 -9.14 -4.60 -1.28
CA CYS B 23 -8.30 -4.55 -2.47
C CYS B 23 -8.95 -3.77 -3.61
N LYS B 24 -10.27 -3.81 -3.74
CA LYS B 24 -10.92 -2.97 -4.73
C LYS B 24 -10.69 -1.49 -4.43
N LYS B 25 -10.82 -1.10 -3.16
N LYS B 25 -10.80 -1.11 -3.16
CA LYS B 25 -10.54 0.29 -2.79
CA LYS B 25 -10.55 0.27 -2.76
C LYS B 25 -9.10 0.65 -3.09
C LYS B 25 -9.10 0.67 -3.03
N PHE B 26 -8.16 -0.23 -2.72
CA PHE B 26 -6.75 0.00 -3.00
C PHE B 26 -6.50 0.26 -4.47
N LEU B 27 -7.12 -0.51 -5.37
N LEU B 27 -7.13 -0.56 -5.33
CA LEU B 27 -6.85 -0.27 -6.78
CA LEU B 27 -7.02 -0.42 -6.79
C LEU B 27 -7.50 1.00 -7.28
C LEU B 27 -7.48 0.96 -7.24
N THR B 28 -8.67 1.37 -6.77
N THR B 28 -8.66 1.39 -6.81
CA THR B 28 -9.25 2.64 -7.18
CA THR B 28 -9.19 2.67 -7.29
C THR B 28 -8.35 3.78 -6.79
C THR B 28 -8.38 3.84 -6.78
N GLU B 29 -7.85 3.76 -5.55
CA GLU B 29 -6.97 4.82 -5.08
C GLU B 29 -5.70 4.85 -5.90
N CYS B 30 -5.17 3.67 -6.24
CA CYS B 30 -3.99 3.58 -7.09
C CYS B 30 -4.23 4.25 -8.43
N GLU B 31 -5.32 3.86 -9.09
CA GLU B 31 -5.60 4.34 -10.43
C GLU B 31 -5.83 5.84 -10.45
N GLN B 32 -6.53 6.37 -9.46
CA GLN B 32 -6.84 7.79 -9.54
C GLN B 32 -5.57 8.62 -9.48
N LYS B 33 -4.55 8.13 -8.77
CA LYS B 33 -3.33 8.91 -8.63
C LYS B 33 -2.49 8.89 -9.89
N ASN B 34 -2.52 7.82 -10.66
CA ASN B 34 -1.66 7.74 -11.84
C ASN B 34 -2.28 6.89 -12.93
N PRO B 35 -2.68 7.49 -14.05
CA PRO B 35 -3.22 6.71 -15.18
C PRO B 35 -2.29 5.65 -15.69
N GLY B 36 -0.99 5.76 -15.45
CA GLY B 36 -0.03 4.79 -15.92
C GLY B 36 0.27 3.67 -14.96
N ALA B 37 -0.41 3.61 -13.81
CA ALA B 37 -0.06 2.66 -12.78
C ALA B 37 -0.18 1.22 -13.29
N GLU B 38 0.68 0.35 -12.75
CA GLU B 38 0.59 -1.07 -12.99
C GLU B 38 -0.16 -1.70 -11.82
N VAL B 39 -1.22 -2.46 -12.11
CA VAL B 39 -2.12 -2.96 -11.08
C VAL B 39 -2.27 -4.46 -11.17
N GLU B 40 -2.55 -5.08 -10.03
CA GLU B 40 -2.87 -6.49 -9.95
C GLU B 40 -3.82 -6.71 -8.78
N ILE B 41 -4.74 -7.68 -8.94
N ILE B 41 -4.77 -7.63 -8.97
CA ILE B 41 -5.52 -8.17 -7.81
CA ILE B 41 -5.57 -8.21 -7.90
C ILE B 41 -5.78 -9.66 -8.02
C ILE B 41 -5.61 -9.70 -8.10
N GLN B 42 -5.40 -10.46 -7.04
CA GLN B 42 -5.57 -11.91 -7.08
C GLN B 42 -6.21 -12.33 -5.77
N CYS B 43 -7.36 -12.99 -5.85
CA CYS B 43 -8.07 -13.44 -4.67
C CYS B 43 -8.24 -14.95 -4.74
#